data_8B9M
#
_entry.id   8B9M
#
_cell.length_a   48.879
_cell.length_b   87.759
_cell.length_c   138.073
_cell.angle_alpha   90.000
_cell.angle_beta   90.000
_cell.angle_gamma   90.000
#
_symmetry.space_group_name_H-M   'P 21 21 21'
#
loop_
_entity.id
_entity.type
_entity.pdbx_description
1 polymer 'Cysteine synthase'
2 non-polymer 'CHLORIDE ION'
3 non-polymer GLYCEROL
4 water water
#
_entity_poly.entity_id   1
_entity_poly.type   'polypeptide(L)'
_entity_poly.pdbx_seq_one_letter_code
;MGSSHHHHHHSSGLVPRGSMAAPFDKSKNVAQSIDQLIGQTPALYLNKLNNTKAKVVLKMECENPMASVKDRLGFAIYDK
AEKEGKLIPGKSIVVESSSGNTGVSLAHLGAIRGYKVIITMPESMSLERRCLLRIFGAEVILTPAALGMKGAVAMAKKIV
AANPNAVLADQFATKYNALIHEETTGPEIWEQTNHNVDCFIAGVGTGGTLTGVARALKKMGSHARIVAVEPTESPVLSGG
KPGPHKIQGIGPGFVPDVLDRSLIDEVLCVAGDDAIETALKLTRSDGVFCGFSGGANVYAALKIAERPEMEGKTIVTVIP
SFGERYLSTTLYRSVRDEVSSLPVVDASELQD
;
_entity_poly.pdbx_strand_id   A,B
#
loop_
_chem_comp.id
_chem_comp.type
_chem_comp.name
_chem_comp.formula
CL non-polymer 'CHLORIDE ION' 'Cl -1'
GOL non-polymer GLYCEROL 'C3 H8 O3'
#
# COMPACT_ATOMS: atom_id res chain seq x y z
N ALA A 22 -22.04 13.28 4.93
CA ALA A 22 -20.55 13.34 4.91
C ALA A 22 -20.01 12.08 4.24
N PRO A 23 -18.82 12.12 3.60
CA PRO A 23 -18.14 10.91 3.16
C PRO A 23 -17.78 10.09 4.40
N PHE A 24 -17.77 8.75 4.25
CA PHE A 24 -17.57 7.84 5.38
C PHE A 24 -16.33 8.25 6.18
N ASP A 25 -16.48 8.41 7.50
CA ASP A 25 -15.34 8.79 8.32
C ASP A 25 -14.58 7.54 8.78
N LYS A 26 -13.57 7.16 8.01
CA LYS A 26 -12.93 5.84 8.13
C LYS A 26 -11.90 5.90 9.24
N SER A 27 -11.49 7.11 9.62
CA SER A 27 -10.57 7.27 10.72
C SER A 27 -11.31 7.10 12.06
N LYS A 28 -12.65 7.21 12.07
CA LYS A 28 -13.42 7.16 13.31
C LYS A 28 -14.50 6.06 13.40
N ASN A 29 -14.82 5.29 12.33
CA ASN A 29 -15.87 4.28 12.29
CA ASN A 29 -15.86 4.27 12.33
C ASN A 29 -15.34 2.98 11.69
N VAL A 30 -16.10 1.86 11.81
CA VAL A 30 -15.71 0.58 11.21
C VAL A 30 -16.44 0.39 9.90
N ALA A 31 -15.69 0.11 8.83
CA ALA A 31 -16.25 -0.05 7.50
C ALA A 31 -16.93 -1.41 7.40
N GLN A 32 -17.98 -1.46 6.57
CA GLN A 32 -18.71 -2.68 6.27
C GLN A 32 -18.03 -3.45 5.15
N SER A 33 -17.31 -2.74 4.27
CA SER A 33 -16.66 -3.36 3.12
CA SER A 33 -16.73 -3.29 3.05
C SER A 33 -15.41 -2.57 2.74
N ILE A 34 -14.45 -3.27 2.16
CA ILE A 34 -13.17 -2.62 1.86
C ILE A 34 -13.34 -1.58 0.76
N ASP A 35 -14.45 -1.63 0.00
CA ASP A 35 -14.66 -0.61 -1.02
C ASP A 35 -14.95 0.77 -0.40
N GLN A 36 -15.38 0.81 0.87
CA GLN A 36 -15.58 2.09 1.54
C GLN A 36 -14.26 2.75 1.86
N LEU A 37 -13.14 2.04 1.71
CA LEU A 37 -11.83 2.59 1.95
C LEU A 37 -11.18 3.14 0.68
N ILE A 38 -11.87 3.01 -0.46
CA ILE A 38 -11.39 3.52 -1.74
C ILE A 38 -11.61 5.02 -1.77
N GLY A 39 -10.64 5.76 -2.29
CA GLY A 39 -10.76 7.21 -2.38
C GLY A 39 -10.57 7.86 -1.02
N GLN A 40 -10.97 9.14 -0.90
CA GLN A 40 -10.62 9.97 0.25
C GLN A 40 -9.14 9.77 0.59
N THR A 41 -8.30 9.85 -0.41
CA THR A 41 -6.86 9.68 -0.23
C THR A 41 -6.25 10.96 0.36
N PRO A 42 -5.07 10.86 0.99
CA PRO A 42 -4.34 12.02 1.45
C PRO A 42 -3.72 12.86 0.31
N ALA A 43 -3.31 14.06 0.71
CA ALA A 43 -2.58 14.98 -0.15
C ALA A 43 -1.37 15.46 0.64
N LEU A 44 -0.24 15.62 -0.07
CA LEU A 44 1.08 15.79 0.56
C LEU A 44 1.88 16.86 -0.20
N TYR A 45 2.42 17.84 0.55
CA TYR A 45 3.33 18.81 -0.03
C TYR A 45 4.63 18.14 -0.36
N LEU A 46 5.15 18.49 -1.53
CA LEU A 46 6.52 18.11 -1.90
C LEU A 46 7.46 19.10 -1.25
N ASN A 47 8.43 18.62 -0.45
CA ASN A 47 9.26 19.51 0.37
C ASN A 47 10.72 19.52 -0.09
N LYS A 48 11.48 18.48 0.22
CA LYS A 48 12.92 18.48 -0.02
C LYS A 48 13.21 18.54 -1.51
N LEU A 49 12.48 17.81 -2.38
CA LEU A 49 12.73 17.82 -3.81
C LEU A 49 12.35 19.16 -4.47
N ASN A 50 11.55 19.99 -3.77
CA ASN A 50 11.04 21.23 -4.34
C ASN A 50 11.91 22.42 -3.87
N ASN A 51 12.77 22.84 -4.80
CA ASN A 51 13.68 23.96 -4.51
CA ASN A 51 13.75 23.90 -4.71
C ASN A 51 13.19 25.24 -5.19
N THR A 52 11.90 25.31 -5.53
CA THR A 52 11.33 26.46 -6.21
C THR A 52 10.55 27.35 -5.23
N LYS A 53 9.95 28.43 -5.74
CA LYS A 53 9.13 29.29 -4.91
C LYS A 53 7.65 28.97 -5.12
N ALA A 54 7.32 27.85 -5.80
CA ALA A 54 5.95 27.38 -5.92
C ALA A 54 5.71 26.23 -4.93
N LYS A 55 4.44 25.98 -4.60
CA LYS A 55 4.02 24.85 -3.78
C LYS A 55 3.55 23.72 -4.68
N VAL A 56 3.97 22.48 -4.37
CA VAL A 56 3.56 21.35 -5.16
C VAL A 56 2.86 20.37 -4.22
N VAL A 57 1.61 20.07 -4.56
CA VAL A 57 0.75 19.15 -3.81
C VAL A 57 0.65 17.86 -4.61
N LEU A 58 0.87 16.73 -3.92
CA LEU A 58 0.71 15.40 -4.48
C LEU A 58 -0.60 14.79 -3.96
N LYS A 59 -1.49 14.43 -4.90
CA LYS A 59 -2.65 13.64 -4.54
C LYS A 59 -2.26 12.17 -4.50
N MET A 60 -2.27 11.58 -3.29
CA MET A 60 -1.61 10.31 -3.04
C MET A 60 -2.54 9.13 -3.34
N GLU A 61 -2.82 8.87 -4.63
CA GLU A 61 -3.68 7.78 -5.04
C GLU A 61 -3.05 6.40 -4.80
N CYS A 62 -1.73 6.41 -4.57
CA CYS A 62 -1.00 5.24 -4.16
C CYS A 62 -1.52 4.66 -2.85
N GLU A 63 -2.26 5.45 -2.06
CA GLU A 63 -2.73 5.07 -0.73
C GLU A 63 -4.09 4.36 -0.77
N ASN A 64 -4.68 4.19 -1.98
CA ASN A 64 -5.87 3.35 -2.15
C ASN A 64 -5.63 1.91 -1.67
N PRO A 65 -6.68 1.14 -1.36
CA PRO A 65 -6.52 -0.17 -0.73
C PRO A 65 -5.78 -1.21 -1.56
N MET A 66 -5.82 -1.12 -2.89
CA MET A 66 -5.02 -2.00 -3.73
CA MET A 66 -4.98 -2.00 -3.69
C MET A 66 -3.93 -1.19 -4.44
N ALA A 67 -3.57 -0.05 -3.82
CA ALA A 67 -2.35 0.70 -4.09
C ALA A 67 -2.34 1.43 -5.43
N SER A 68 -3.51 1.80 -5.96
CA SER A 68 -3.48 2.66 -7.14
C SER A 68 -4.80 3.41 -7.27
N VAL A 69 -4.73 4.48 -8.07
CA VAL A 69 -5.89 5.24 -8.53
C VAL A 69 -6.95 4.36 -9.20
N LYS A 70 -6.55 3.24 -9.81
CA LYS A 70 -7.49 2.39 -10.52
C LYS A 70 -8.53 1.74 -9.61
N ASP A 71 -8.32 1.68 -8.31
CA ASP A 71 -9.37 1.26 -7.39
C ASP A 71 -10.64 2.09 -7.58
N ARG A 72 -10.52 3.38 -7.89
CA ARG A 72 -11.68 4.25 -8.05
C ARG A 72 -12.47 3.82 -9.29
N LEU A 73 -11.74 3.45 -10.36
CA LEU A 73 -12.33 3.04 -11.62
C LEU A 73 -13.01 1.68 -11.45
N GLY A 74 -12.34 0.76 -10.77
CA GLY A 74 -12.93 -0.54 -10.46
C GLY A 74 -14.24 -0.40 -9.72
N PHE A 75 -14.23 0.40 -8.67
CA PHE A 75 -15.43 0.63 -7.89
C PHE A 75 -16.52 1.25 -8.77
N ALA A 76 -16.18 2.28 -9.56
CA ALA A 76 -17.13 2.95 -10.42
C ALA A 76 -17.78 1.96 -11.40
N ILE A 77 -16.97 1.05 -11.97
CA ILE A 77 -17.47 0.07 -12.94
C ILE A 77 -18.53 -0.80 -12.27
N TYR A 78 -18.17 -1.41 -11.13
CA TYR A 78 -19.12 -2.29 -10.45
C TYR A 78 -20.33 -1.51 -9.96
N ASP A 79 -20.09 -0.36 -9.33
CA ASP A 79 -21.18 0.37 -8.68
C ASP A 79 -22.17 0.92 -9.73
N LYS A 80 -21.63 1.58 -10.77
CA LYS A 80 -22.50 2.26 -11.72
C LYS A 80 -23.18 1.27 -12.65
N ALA A 81 -22.44 0.25 -13.08
CA ALA A 81 -23.00 -0.75 -13.99
C ALA A 81 -24.07 -1.60 -13.29
N GLU A 82 -23.86 -1.96 -12.01
CA GLU A 82 -24.93 -2.59 -11.24
C GLU A 82 -26.17 -1.69 -11.17
N LYS A 83 -25.99 -0.39 -10.91
CA LYS A 83 -27.11 0.52 -10.72
CA LYS A 83 -27.14 0.48 -10.71
C LYS A 83 -27.88 0.69 -12.02
N GLU A 84 -27.19 0.55 -13.17
CA GLU A 84 -27.84 0.59 -14.48
C GLU A 84 -28.51 -0.73 -14.83
N GLY A 85 -28.25 -1.78 -14.05
CA GLY A 85 -28.81 -3.10 -14.33
C GLY A 85 -28.00 -3.89 -15.35
N LYS A 86 -26.76 -3.47 -15.59
CA LYS A 86 -25.94 -4.06 -16.64
C LYS A 86 -24.92 -5.07 -16.13
N LEU A 87 -24.67 -5.09 -14.81
CA LEU A 87 -23.93 -6.14 -14.12
C LEU A 87 -24.82 -6.72 -13.02
N ILE A 88 -24.88 -8.05 -12.98
CA ILE A 88 -25.60 -8.82 -12.00
C ILE A 88 -24.63 -9.76 -11.28
N PRO A 89 -24.35 -9.57 -9.98
CA PRO A 89 -23.48 -10.48 -9.24
C PRO A 89 -23.94 -11.92 -9.36
N GLY A 90 -23.01 -12.83 -9.66
CA GLY A 90 -23.35 -14.24 -9.77
C GLY A 90 -23.84 -14.63 -11.15
N LYS A 91 -24.22 -13.66 -12.01
CA LYS A 91 -24.59 -13.98 -13.38
C LYS A 91 -23.56 -13.41 -14.36
N SER A 92 -23.28 -12.10 -14.29
CA SER A 92 -22.31 -11.48 -15.17
C SER A 92 -20.91 -12.02 -14.90
N ILE A 93 -20.21 -12.21 -16.01
CA ILE A 93 -18.79 -12.59 -16.03
C ILE A 93 -18.02 -11.41 -16.60
N VAL A 94 -17.12 -10.85 -15.77
CA VAL A 94 -16.45 -9.61 -16.12
C VAL A 94 -15.17 -9.98 -16.87
N VAL A 95 -14.99 -9.44 -18.08
CA VAL A 95 -13.85 -9.82 -18.91
C VAL A 95 -13.05 -8.57 -19.21
N GLU A 96 -11.73 -8.65 -18.98
CA GLU A 96 -10.86 -7.49 -19.13
C GLU A 96 -9.52 -7.92 -19.70
N SER A 97 -9.04 -7.17 -20.70
CA SER A 97 -7.78 -7.41 -21.37
C SER A 97 -6.74 -6.41 -20.92
N SER A 98 -6.40 -6.44 -19.63
CA SER A 98 -5.45 -5.52 -19.02
C SER A 98 -4.52 -6.32 -18.12
N SER A 99 -3.22 -6.05 -18.22
CA SER A 99 -2.29 -6.56 -17.23
C SER A 99 -2.25 -5.68 -15.98
N GLY A 100 -2.40 -4.35 -16.18
CA GLY A 100 -2.08 -3.31 -15.19
C GLY A 100 -3.14 -3.17 -14.10
N ASN A 101 -3.18 -1.99 -13.47
CA ASN A 101 -3.91 -1.86 -12.21
C ASN A 101 -5.43 -1.90 -12.39
N THR A 102 -5.96 -1.59 -13.58
CA THR A 102 -7.40 -1.72 -13.80
C THR A 102 -7.84 -3.18 -13.66
N GLY A 103 -7.06 -4.11 -14.27
CA GLY A 103 -7.31 -5.53 -14.12
C GLY A 103 -7.22 -5.98 -12.65
N VAL A 104 -6.25 -5.43 -11.90
CA VAL A 104 -6.06 -5.79 -10.49
C VAL A 104 -7.31 -5.36 -9.73
N SER A 105 -7.76 -4.12 -9.93
CA SER A 105 -8.93 -3.63 -9.18
C SER A 105 -10.18 -4.42 -9.56
N LEU A 106 -10.36 -4.72 -10.84
CA LEU A 106 -11.54 -5.47 -11.25
C LEU A 106 -11.52 -6.86 -10.63
N ALA A 107 -10.34 -7.47 -10.53
CA ALA A 107 -10.23 -8.78 -9.90
C ALA A 107 -10.56 -8.73 -8.41
N HIS A 108 -10.00 -7.71 -7.77
CA HIS A 108 -10.13 -7.50 -6.33
C HIS A 108 -11.60 -7.30 -5.96
N LEU A 109 -12.22 -6.31 -6.58
CA LEU A 109 -13.59 -5.97 -6.23
C LEU A 109 -14.57 -7.00 -6.78
N GLY A 110 -14.21 -7.67 -7.89
CA GLY A 110 -15.05 -8.73 -8.40
C GLY A 110 -15.18 -9.88 -7.41
N ALA A 111 -14.06 -10.26 -6.79
CA ALA A 111 -14.04 -11.34 -5.82
C ALA A 111 -15.05 -11.09 -4.70
N ILE A 112 -14.97 -9.88 -4.14
CA ILE A 112 -15.75 -9.59 -2.96
C ILE A 112 -17.23 -9.40 -3.32
N ARG A 113 -17.55 -8.95 -4.54
CA ARG A 113 -18.93 -8.80 -4.96
C ARG A 113 -19.53 -10.08 -5.57
N GLY A 114 -18.73 -11.14 -5.68
CA GLY A 114 -19.19 -12.43 -6.17
C GLY A 114 -19.34 -12.49 -7.70
N TYR A 115 -18.40 -11.86 -8.43
CA TYR A 115 -18.36 -11.98 -9.88
C TYR A 115 -17.19 -12.87 -10.27
N LYS A 116 -17.41 -13.71 -11.30
CA LYS A 116 -16.31 -14.34 -12.01
C LYS A 116 -15.63 -13.27 -12.83
N VAL A 117 -14.29 -13.19 -12.72
CA VAL A 117 -13.51 -12.23 -13.46
C VAL A 117 -12.51 -13.00 -14.30
N ILE A 118 -12.39 -12.61 -15.57
CA ILE A 118 -11.44 -13.17 -16.50
C ILE A 118 -10.56 -12.05 -17.02
N ILE A 119 -9.25 -12.24 -16.88
CA ILE A 119 -8.25 -11.31 -17.34
C ILE A 119 -7.43 -11.98 -18.44
N THR A 120 -7.41 -11.39 -19.65
CA THR A 120 -6.47 -11.83 -20.67
C THR A 120 -5.23 -10.92 -20.64
N MET A 121 -4.06 -11.54 -20.78
CA MET A 121 -2.79 -10.83 -20.78
CA MET A 121 -2.80 -10.82 -20.79
C MET A 121 -1.77 -11.62 -21.60
N PRO A 122 -0.81 -10.93 -22.27
CA PRO A 122 0.26 -11.64 -22.97
C PRO A 122 1.10 -12.45 -21.99
N GLU A 123 1.58 -13.60 -22.47
CA GLU A 123 2.43 -14.49 -21.69
C GLU A 123 3.73 -13.82 -21.24
N SER A 124 4.08 -12.71 -21.92
CA SER A 124 5.31 -11.98 -21.65
C SER A 124 5.25 -11.18 -20.35
N MET A 125 4.04 -10.84 -19.86
CA MET A 125 3.90 -10.14 -18.59
C MET A 125 4.48 -11.01 -17.45
N SER A 126 4.97 -10.35 -16.38
CA SER A 126 5.68 -11.00 -15.29
C SER A 126 4.77 -11.99 -14.54
N LEU A 127 5.40 -12.98 -13.90
CA LEU A 127 4.75 -13.89 -12.97
C LEU A 127 4.05 -13.11 -11.87
N GLU A 128 4.71 -12.05 -11.37
CA GLU A 128 4.17 -11.22 -10.31
C GLU A 128 2.79 -10.70 -10.71
N ARG A 129 2.67 -10.16 -11.94
CA ARG A 129 1.42 -9.62 -12.43
C ARG A 129 0.37 -10.74 -12.47
N ARG A 130 0.75 -11.93 -12.94
CA ARG A 130 -0.21 -13.03 -12.98
C ARG A 130 -0.68 -13.34 -11.58
N CYS A 131 0.30 -13.36 -10.67
CA CYS A 131 0.10 -13.78 -9.29
CA CYS A 131 0.08 -13.77 -9.29
C CYS A 131 -0.87 -12.84 -8.58
N LEU A 132 -0.66 -11.52 -8.71
CA LEU A 132 -1.54 -10.51 -8.18
C LEU A 132 -3.00 -10.77 -8.54
N LEU A 133 -3.27 -11.06 -9.82
CA LEU A 133 -4.62 -11.30 -10.30
C LEU A 133 -5.18 -12.59 -9.72
N ARG A 134 -4.36 -13.66 -9.76
CA ARG A 134 -4.84 -14.96 -9.35
C ARG A 134 -5.12 -15.03 -7.85
N ILE A 135 -4.42 -14.24 -7.03
CA ILE A 135 -4.72 -14.24 -5.60
C ILE A 135 -6.17 -13.87 -5.35
N PHE A 136 -6.77 -13.04 -6.22
CA PHE A 136 -8.17 -12.65 -6.05
C PHE A 136 -9.10 -13.65 -6.69
N GLY A 137 -8.54 -14.67 -7.32
CA GLY A 137 -9.39 -15.72 -7.86
C GLY A 137 -9.84 -15.45 -9.28
N ALA A 138 -9.21 -14.45 -9.91
CA ALA A 138 -9.47 -14.17 -11.31
C ALA A 138 -8.90 -15.32 -12.14
N GLU A 139 -9.62 -15.62 -13.22
CA GLU A 139 -9.11 -16.56 -14.21
C GLU A 139 -8.18 -15.80 -15.15
N VAL A 140 -6.91 -16.20 -15.16
CA VAL A 140 -5.88 -15.56 -15.95
C VAL A 140 -5.64 -16.41 -17.19
N ILE A 141 -5.89 -15.80 -18.34
CA ILE A 141 -5.75 -16.40 -19.66
C ILE A 141 -4.54 -15.72 -20.32
N LEU A 142 -3.58 -16.51 -20.81
CA LEU A 142 -2.33 -16.00 -21.36
C LEU A 142 -2.37 -16.09 -22.88
N THR A 143 -1.93 -15.00 -23.54
CA THR A 143 -1.95 -14.93 -25.00
C THR A 143 -0.52 -14.80 -25.55
N PRO A 144 -0.29 -15.11 -26.87
CA PRO A 144 1.06 -15.17 -27.41
C PRO A 144 1.81 -13.84 -27.27
N ALA A 145 3.06 -13.93 -26.84
CA ALA A 145 3.92 -12.78 -26.64
C ALA A 145 3.98 -11.94 -27.92
N ALA A 146 4.03 -12.62 -29.07
CA ALA A 146 4.20 -11.96 -30.35
C ALA A 146 3.03 -11.04 -30.67
N LEU A 147 1.82 -11.39 -30.18
CA LEU A 147 0.65 -10.57 -30.46
C LEU A 147 0.48 -9.42 -29.45
N GLY A 148 1.33 -9.33 -28.42
CA GLY A 148 1.24 -8.28 -27.40
C GLY A 148 -0.17 -8.05 -26.86
N MET A 149 -0.49 -6.79 -26.54
CA MET A 149 -1.74 -6.45 -25.88
CA MET A 149 -1.74 -6.42 -25.90
C MET A 149 -2.89 -6.57 -26.87
N LYS A 150 -2.60 -6.42 -28.17
CA LYS A 150 -3.62 -6.53 -29.19
C LYS A 150 -4.22 -7.94 -29.15
N GLY A 151 -3.38 -8.93 -28.83
CA GLY A 151 -3.80 -10.32 -28.78
C GLY A 151 -4.67 -10.61 -27.57
N ALA A 152 -4.34 -9.97 -26.43
CA ALA A 152 -5.15 -10.08 -25.22
C ALA A 152 -6.56 -9.52 -25.46
N VAL A 153 -6.64 -8.37 -26.16
CA VAL A 153 -7.89 -7.73 -26.50
C VAL A 153 -8.73 -8.68 -27.35
N ALA A 154 -8.08 -9.25 -28.38
CA ALA A 154 -8.72 -10.21 -29.28
C ALA A 154 -9.33 -11.36 -28.50
N MET A 155 -8.56 -11.89 -27.53
CA MET A 155 -9.01 -13.02 -26.75
C MET A 155 -10.21 -12.61 -25.89
N ALA A 156 -10.16 -11.41 -25.29
CA ALA A 156 -11.24 -10.92 -24.45
C ALA A 156 -12.53 -10.77 -25.28
N LYS A 157 -12.43 -10.08 -26.42
CA LYS A 157 -13.54 -9.91 -27.35
C LYS A 157 -14.11 -11.29 -27.69
N LYS A 158 -13.22 -12.27 -27.91
CA LYS A 158 -13.63 -13.62 -28.29
C LYS A 158 -14.35 -14.34 -27.16
N ILE A 159 -13.91 -14.16 -25.89
CA ILE A 159 -14.56 -14.83 -24.76
C ILE A 159 -15.97 -14.25 -24.57
N VAL A 160 -16.13 -12.95 -24.83
CA VAL A 160 -17.39 -12.24 -24.59
C VAL A 160 -18.42 -12.62 -25.66
N ALA A 161 -18.03 -12.56 -26.94
CA ALA A 161 -18.90 -13.01 -28.02
C ALA A 161 -19.42 -14.42 -27.73
N ALA A 162 -18.58 -15.26 -27.12
CA ALA A 162 -18.90 -16.67 -26.91
C ALA A 162 -19.84 -16.89 -25.73
N ASN A 163 -19.97 -15.92 -24.81
CA ASN A 163 -20.86 -16.09 -23.68
C ASN A 163 -21.75 -14.84 -23.58
N PRO A 164 -23.09 -14.98 -23.65
CA PRO A 164 -24.00 -13.84 -23.50
C PRO A 164 -23.94 -13.19 -22.11
N ASN A 165 -23.55 -13.97 -21.09
CA ASN A 165 -23.41 -13.49 -19.72
C ASN A 165 -22.12 -12.70 -19.50
N ALA A 166 -21.16 -12.80 -20.41
CA ALA A 166 -19.88 -12.13 -20.26
C ALA A 166 -19.95 -10.71 -20.81
N VAL A 167 -19.28 -9.76 -20.15
CA VAL A 167 -19.22 -8.38 -20.60
C VAL A 167 -17.77 -7.91 -20.60
N LEU A 168 -17.40 -7.14 -21.63
CA LEU A 168 -16.12 -6.46 -21.68
C LEU A 168 -16.17 -5.28 -20.70
N ALA A 169 -15.19 -5.21 -19.81
CA ALA A 169 -15.19 -4.21 -18.74
C ALA A 169 -14.80 -2.86 -19.33
N ASP A 170 -14.09 -2.91 -20.48
CA ASP A 170 -13.52 -1.75 -21.14
C ASP A 170 -14.60 -0.73 -21.50
N GLN A 171 -15.81 -1.20 -21.85
CA GLN A 171 -16.91 -0.33 -22.24
C GLN A 171 -17.35 0.53 -21.05
N PHE A 172 -17.30 -0.08 -19.86
CA PHE A 172 -17.65 0.60 -18.63
C PHE A 172 -16.54 1.57 -18.23
N ALA A 173 -15.28 1.17 -18.38
CA ALA A 173 -14.17 2.08 -18.09
C ALA A 173 -14.33 3.36 -18.89
N THR A 174 -14.65 3.22 -20.18
CA THR A 174 -14.81 4.38 -21.06
C THR A 174 -15.96 5.25 -20.56
N LYS A 175 -17.07 4.61 -20.20
CA LYS A 175 -18.26 5.34 -19.82
C LYS A 175 -18.08 6.10 -18.49
N TYR A 176 -17.38 5.54 -17.50
CA TYR A 176 -17.43 6.04 -16.12
C TYR A 176 -16.15 6.68 -15.63
N ASN A 177 -15.01 6.55 -16.33
CA ASN A 177 -13.72 6.96 -15.76
C ASN A 177 -13.68 8.45 -15.42
N ALA A 178 -14.01 9.32 -16.38
CA ALA A 178 -13.97 10.74 -16.13
C ALA A 178 -15.00 11.11 -15.07
N LEU A 179 -16.16 10.45 -15.08
CA LEU A 179 -17.21 10.79 -14.13
C LEU A 179 -16.79 10.53 -12.69
N ILE A 180 -16.19 9.36 -12.41
CA ILE A 180 -15.83 9.06 -11.03
C ILE A 180 -14.84 10.11 -10.52
N HIS A 181 -13.90 10.55 -11.37
CA HIS A 181 -12.92 11.54 -10.92
C HIS A 181 -13.53 12.94 -10.76
N GLU A 182 -14.53 13.27 -11.58
CA GLU A 182 -15.24 14.53 -11.40
C GLU A 182 -16.03 14.50 -10.09
N GLU A 183 -16.56 13.34 -9.73
CA GLU A 183 -17.44 13.19 -8.57
C GLU A 183 -16.64 13.07 -7.27
N THR A 184 -15.43 12.50 -7.31
CA THR A 184 -14.71 12.17 -6.07
C THR A 184 -13.34 12.82 -5.99
N THR A 185 -12.37 12.38 -6.80
CA THR A 185 -11.00 12.86 -6.73
C THR A 185 -10.93 14.39 -6.78
N GLY A 186 -11.64 14.97 -7.76
CA GLY A 186 -11.55 16.41 -7.96
C GLY A 186 -12.07 17.21 -6.79
N PRO A 187 -13.32 16.96 -6.34
CA PRO A 187 -13.82 17.55 -5.11
C PRO A 187 -12.93 17.35 -3.89
N GLU A 188 -12.30 16.17 -3.73
CA GLU A 188 -11.37 15.97 -2.62
C GLU A 188 -10.18 16.94 -2.71
N ILE A 189 -9.59 17.05 -3.90
CA ILE A 189 -8.45 17.95 -4.12
C ILE A 189 -8.87 19.38 -3.76
N TRP A 190 -10.06 19.77 -4.23
CA TRP A 190 -10.58 21.12 -4.04
C TRP A 190 -10.64 21.44 -2.55
N GLU A 191 -11.13 20.50 -1.74
CA GLU A 191 -11.30 20.68 -0.30
CA GLU A 191 -11.29 20.71 -0.32
C GLU A 191 -9.94 20.66 0.38
N GLN A 192 -9.08 19.70 -0.02
CA GLN A 192 -7.79 19.56 0.64
C GLN A 192 -6.92 20.80 0.44
N THR A 193 -6.95 21.39 -0.76
CA THR A 193 -6.11 22.53 -1.08
C THR A 193 -6.74 23.86 -0.65
N ASN A 194 -7.87 23.82 0.05
CA ASN A 194 -8.47 25.04 0.56
C ASN A 194 -8.94 25.91 -0.61
N HIS A 195 -9.51 25.26 -1.65
CA HIS A 195 -10.08 25.96 -2.80
C HIS A 195 -9.03 26.83 -3.50
N ASN A 196 -7.81 26.29 -3.65
CA ASN A 196 -6.68 27.07 -4.05
C ASN A 196 -5.78 26.24 -4.95
N VAL A 197 -6.08 26.20 -6.25
CA VAL A 197 -5.34 25.42 -7.22
C VAL A 197 -5.03 26.32 -8.41
N ASP A 198 -3.74 26.55 -8.69
CA ASP A 198 -3.36 27.38 -9.84
C ASP A 198 -3.01 26.52 -11.05
N CYS A 199 -2.66 25.26 -10.81
CA CYS A 199 -2.24 24.37 -11.88
C CYS A 199 -2.52 22.93 -11.44
N PHE A 200 -3.14 22.19 -12.33
CA PHE A 200 -3.36 20.76 -12.15
C PHE A 200 -2.68 20.02 -13.30
N ILE A 201 -1.86 19.03 -12.93
CA ILE A 201 -1.07 18.22 -13.84
C ILE A 201 -1.38 16.74 -13.69
N ALA A 202 -1.68 16.05 -14.80
CA ALA A 202 -1.76 14.59 -14.78
C ALA A 202 -1.48 13.99 -16.16
N GLY A 203 -1.34 12.67 -16.21
CA GLY A 203 -1.01 11.97 -17.44
C GLY A 203 -2.14 11.96 -18.48
N VAL A 204 -1.73 11.94 -19.75
CA VAL A 204 -2.65 11.85 -20.88
C VAL A 204 -3.25 10.44 -20.97
N GLY A 205 -2.64 9.47 -20.28
CA GLY A 205 -3.13 8.10 -20.38
C GLY A 205 -4.65 7.96 -20.23
N THR A 206 -5.18 6.84 -20.75
CA THR A 206 -6.48 6.28 -20.37
C THR A 206 -6.49 5.92 -18.89
N GLY A 207 -7.68 6.00 -18.27
CA GLY A 207 -7.92 5.50 -16.92
C GLY A 207 -7.33 6.35 -15.79
N GLY A 208 -7.05 7.63 -16.06
CA GLY A 208 -6.46 8.52 -15.08
C GLY A 208 -7.40 9.65 -14.66
N THR A 209 -6.88 10.51 -13.80
CA THR A 209 -7.67 11.57 -13.22
C THR A 209 -7.88 12.80 -14.13
N LEU A 210 -7.10 12.96 -15.21
CA LEU A 210 -6.93 14.26 -15.84
C LEU A 210 -8.27 14.90 -16.21
N THR A 211 -9.10 14.20 -16.99
CA THR A 211 -10.31 14.81 -17.55
C THR A 211 -11.31 15.12 -16.45
N GLY A 212 -11.54 14.15 -15.55
CA GLY A 212 -12.55 14.30 -14.52
C GLY A 212 -12.19 15.40 -13.53
N VAL A 213 -10.93 15.43 -13.09
CA VAL A 213 -10.50 16.46 -12.16
C VAL A 213 -10.57 17.84 -12.83
N ALA A 214 -10.16 17.95 -14.10
CA ALA A 214 -10.26 19.22 -14.82
C ALA A 214 -11.71 19.72 -14.84
N ARG A 215 -12.65 18.82 -15.12
CA ARG A 215 -14.06 19.18 -15.16
C ARG A 215 -14.54 19.67 -13.80
N ALA A 216 -14.16 18.93 -12.74
CA ALA A 216 -14.55 19.34 -11.40
C ALA A 216 -14.00 20.75 -11.09
N LEU A 217 -12.73 20.99 -11.39
CA LEU A 217 -12.11 22.26 -11.06
C LEU A 217 -12.82 23.41 -11.79
N LYS A 218 -13.12 23.22 -13.09
CA LYS A 218 -13.81 24.22 -13.88
CA LYS A 218 -13.81 24.21 -13.89
C LYS A 218 -15.15 24.53 -13.24
N LYS A 219 -15.89 23.47 -12.93
CA LYS A 219 -17.23 23.59 -12.37
C LYS A 219 -17.21 24.31 -11.02
N MET A 220 -16.14 24.12 -10.24
CA MET A 220 -15.97 24.84 -8.97
C MET A 220 -15.54 26.30 -9.17
N GLY A 221 -15.29 26.73 -10.40
CA GLY A 221 -14.91 28.12 -10.66
C GLY A 221 -13.40 28.36 -10.49
N SER A 222 -12.65 27.26 -10.33
CA SER A 222 -11.20 27.33 -10.40
C SER A 222 -10.73 27.82 -11.77
N HIS A 223 -9.71 28.67 -11.73
CA HIS A 223 -9.02 29.11 -12.93
C HIS A 223 -7.70 28.37 -13.07
N ALA A 224 -7.56 27.19 -12.41
CA ALA A 224 -6.35 26.37 -12.53
C ALA A 224 -6.01 26.14 -14.00
N ARG A 225 -4.72 26.27 -14.32
CA ARG A 225 -4.18 25.79 -15.60
C ARG A 225 -4.14 24.25 -15.60
N ILE A 226 -4.59 23.63 -16.68
CA ILE A 226 -4.67 22.16 -16.81
C ILE A 226 -3.55 21.72 -17.74
N VAL A 227 -2.65 20.86 -17.22
CA VAL A 227 -1.50 20.39 -17.96
C VAL A 227 -1.57 18.87 -18.09
N ALA A 228 -1.52 18.39 -19.33
CA ALA A 228 -1.43 16.98 -19.64
C ALA A 228 0.04 16.59 -19.81
N VAL A 229 0.46 15.49 -19.16
CA VAL A 229 1.82 14.98 -19.27
C VAL A 229 1.82 13.84 -20.28
N GLU A 230 2.73 13.96 -21.25
CA GLU A 230 2.91 12.99 -22.31
C GLU A 230 4.30 12.37 -22.15
N PRO A 231 4.44 11.10 -21.75
CA PRO A 231 5.77 10.53 -21.55
C PRO A 231 6.36 10.09 -22.89
N THR A 232 7.70 10.26 -23.01
CA THR A 232 8.54 9.98 -24.18
C THR A 232 9.22 8.62 -24.06
N GLU A 233 8.55 7.63 -23.45
CA GLU A 233 9.14 6.30 -23.28
C GLU A 233 8.03 5.24 -23.22
N ASP A 260 -6.50 15.36 -26.81
CA ASP A 260 -7.72 15.73 -27.58
C ASP A 260 -8.82 16.16 -26.61
N ARG A 261 -8.66 17.35 -26.00
CA ARG A 261 -9.68 17.95 -25.15
C ARG A 261 -9.51 19.46 -25.11
N SER A 262 -10.65 20.14 -24.94
CA SER A 262 -10.72 21.59 -24.83
C SER A 262 -10.44 22.04 -23.40
N LEU A 263 -10.36 21.06 -22.48
CA LEU A 263 -10.05 21.31 -21.08
C LEU A 263 -8.55 21.55 -20.88
N ILE A 264 -7.72 21.05 -21.81
CA ILE A 264 -6.27 21.03 -21.60
C ILE A 264 -5.68 22.36 -22.03
N ASP A 265 -4.90 23.00 -21.16
CA ASP A 265 -4.22 24.24 -21.51
C ASP A 265 -2.87 23.99 -22.18
N GLU A 266 -2.20 22.88 -21.85
CA GLU A 266 -0.81 22.70 -22.22
C GLU A 266 -0.48 21.21 -22.13
N VAL A 267 0.26 20.68 -23.11
CA VAL A 267 0.83 19.36 -23.02
C VAL A 267 2.32 19.50 -22.76
N LEU A 268 2.82 18.77 -21.76
CA LEU A 268 4.25 18.76 -21.50
CA LEU A 268 4.24 18.73 -21.43
C LEU A 268 4.75 17.33 -21.73
N CYS A 269 5.72 17.24 -22.64
CA CYS A 269 6.39 15.99 -22.94
C CYS A 269 7.50 15.77 -21.91
N VAL A 270 7.52 14.57 -21.34
CA VAL A 270 8.51 14.20 -20.33
C VAL A 270 9.22 12.94 -20.79
N ALA A 271 10.55 13.01 -20.84
CA ALA A 271 11.38 11.87 -21.23
C ALA A 271 11.29 10.75 -20.19
N GLY A 272 11.22 9.51 -20.66
CA GLY A 272 11.22 8.35 -19.78
C GLY A 272 12.32 8.39 -18.74
N ASP A 273 13.55 8.78 -19.15
CA ASP A 273 14.67 8.76 -18.23
C ASP A 273 14.50 9.81 -17.14
N ASP A 274 13.78 10.89 -17.43
CA ASP A 274 13.53 11.88 -16.40
C ASP A 274 12.48 11.38 -15.40
N ALA A 275 11.41 10.74 -15.91
CA ALA A 275 10.42 10.08 -15.06
C ALA A 275 11.10 9.07 -14.14
N ILE A 276 11.93 8.19 -14.71
CA ILE A 276 12.60 7.15 -13.95
C ILE A 276 13.51 7.76 -12.87
N GLU A 277 14.32 8.76 -13.23
CA GLU A 277 15.23 9.39 -12.31
C GLU A 277 14.46 10.10 -11.19
N THR A 278 13.33 10.75 -11.53
CA THR A 278 12.52 11.44 -10.56
C THR A 278 11.94 10.48 -9.52
N ALA A 279 11.44 9.32 -9.96
CA ALA A 279 10.88 8.33 -9.04
C ALA A 279 11.91 7.92 -7.98
N LEU A 280 13.19 7.71 -8.37
CA LEU A 280 14.24 7.32 -7.42
CA LEU A 280 14.17 7.31 -7.36
C LEU A 280 14.58 8.49 -6.48
N LYS A 281 14.57 9.72 -6.99
CA LYS A 281 14.85 10.86 -6.14
C LYS A 281 13.74 11.10 -5.12
N LEU A 282 12.50 10.89 -5.53
CA LEU A 282 11.31 11.10 -4.72
CA LEU A 282 11.36 11.16 -4.69
C LEU A 282 11.34 10.24 -3.45
N THR A 283 11.74 8.98 -3.60
CA THR A 283 11.76 8.09 -2.46
C THR A 283 12.72 8.62 -1.40
N ARG A 284 13.90 9.04 -1.85
CA ARG A 284 14.98 9.47 -0.97
C ARG A 284 14.80 10.90 -0.47
N SER A 285 14.10 11.78 -1.21
CA SER A 285 13.91 13.16 -0.72
C SER A 285 12.69 13.30 0.19
N ASP A 286 11.55 12.72 -0.21
CA ASP A 286 10.27 13.02 0.40
C ASP A 286 9.55 11.74 0.84
N GLY A 287 10.11 10.57 0.55
CA GLY A 287 9.55 9.31 1.07
C GLY A 287 8.30 8.89 0.31
N VAL A 288 8.16 9.40 -0.92
CA VAL A 288 7.09 9.06 -1.81
C VAL A 288 7.62 7.98 -2.76
N PHE A 289 7.00 6.80 -2.71
CA PHE A 289 7.42 5.63 -3.49
C PHE A 289 6.36 5.27 -4.51
N CYS A 290 6.63 5.57 -5.79
CA CYS A 290 5.63 5.43 -6.84
C CYS A 290 6.20 4.79 -8.09
N GLY A 291 5.33 4.75 -9.11
CA GLY A 291 5.63 4.21 -10.40
C GLY A 291 6.07 5.29 -11.39
N PHE A 292 6.18 4.82 -12.64
CA PHE A 292 6.70 5.63 -13.72
C PHE A 292 5.84 6.88 -13.90
N SER A 293 4.51 6.73 -13.84
CA SER A 293 3.60 7.85 -14.10
C SER A 293 3.78 8.97 -13.08
N GLY A 294 3.89 8.58 -11.81
CA GLY A 294 4.10 9.53 -10.75
C GLY A 294 5.44 10.26 -10.91
N GLY A 295 6.50 9.55 -11.31
CA GLY A 295 7.75 10.25 -11.52
C GLY A 295 7.64 11.25 -12.65
N ALA A 296 6.95 10.90 -13.74
CA ALA A 296 6.73 11.83 -14.85
C ALA A 296 5.97 13.09 -14.40
N ASN A 297 4.88 12.86 -13.65
CA ASN A 297 4.04 13.92 -13.13
C ASN A 297 4.81 14.89 -12.24
N VAL A 298 5.68 14.33 -11.38
CA VAL A 298 6.43 15.16 -10.47
C VAL A 298 7.52 15.95 -11.24
N TYR A 299 8.16 15.30 -12.22
CA TYR A 299 9.10 16.02 -13.08
C TYR A 299 8.43 17.25 -13.72
N ALA A 300 7.26 17.02 -14.33
CA ALA A 300 6.44 18.06 -14.95
C ALA A 300 6.11 19.14 -13.95
N ALA A 301 5.70 18.74 -12.74
CA ALA A 301 5.32 19.73 -11.75
C ALA A 301 6.49 20.63 -11.36
N LEU A 302 7.69 20.04 -11.22
CA LEU A 302 8.85 20.80 -10.80
C LEU A 302 9.28 21.78 -11.90
N LYS A 303 9.06 21.38 -13.15
CA LYS A 303 9.43 22.20 -14.31
C LYS A 303 8.52 23.42 -14.33
N ILE A 304 7.21 23.16 -14.16
CA ILE A 304 6.18 24.20 -14.12
CA ILE A 304 6.21 24.22 -14.14
C ILE A 304 6.47 25.12 -12.94
N ALA A 305 6.84 24.54 -11.79
CA ALA A 305 7.13 25.26 -10.56
C ALA A 305 8.29 26.26 -10.70
N GLU A 306 9.19 26.05 -11.67
CA GLU A 306 10.34 26.95 -11.89
C GLU A 306 9.91 28.18 -12.69
N ARG A 307 8.68 28.24 -13.20
CA ARG A 307 8.28 29.40 -13.99
C ARG A 307 8.07 30.61 -13.07
N PRO A 308 8.58 31.80 -13.46
CA PRO A 308 8.41 33.00 -12.64
C PRO A 308 6.97 33.28 -12.28
N GLU A 309 6.05 33.07 -13.21
CA GLU A 309 4.65 33.34 -12.96
C GLU A 309 4.07 32.36 -11.93
N MET A 310 4.78 31.28 -11.60
CA MET A 310 4.26 30.32 -10.63
C MET A 310 4.74 30.58 -9.20
N GLU A 311 5.51 31.67 -9.00
CA GLU A 311 6.00 31.99 -7.67
C GLU A 311 4.82 32.20 -6.73
N GLY A 312 4.83 31.45 -5.61
CA GLY A 312 3.80 31.50 -4.60
C GLY A 312 2.52 30.72 -4.93
N LYS A 313 2.41 30.15 -6.14
CA LYS A 313 1.20 29.47 -6.60
C LYS A 313 1.22 28.00 -6.15
N THR A 314 0.06 27.35 -6.27
CA THR A 314 -0.14 25.96 -5.83
C THR A 314 -0.35 25.12 -7.07
N ILE A 315 0.59 24.19 -7.26
CA ILE A 315 0.52 23.23 -8.34
C ILE A 315 0.09 21.90 -7.74
N VAL A 316 -0.92 21.25 -8.32
CA VAL A 316 -1.36 19.94 -7.85
C VAL A 316 -1.03 18.91 -8.92
N THR A 317 -0.52 17.75 -8.48
CA THR A 317 -0.38 16.61 -9.38
C THR A 317 -0.71 15.35 -8.61
N VAL A 318 -0.67 14.23 -9.32
CA VAL A 318 -1.18 12.95 -8.84
C VAL A 318 -0.05 11.92 -8.79
N ILE A 319 -0.02 11.15 -7.70
CA ILE A 319 0.79 9.95 -7.60
C ILE A 319 -0.12 8.75 -7.82
N PRO A 320 -0.21 8.22 -9.06
CA PRO A 320 -1.25 7.23 -9.35
C PRO A 320 -1.11 5.89 -8.62
N SER A 321 0.12 5.41 -8.39
CA SER A 321 0.28 4.06 -7.88
C SER A 321 1.50 3.96 -6.97
N PHE A 322 1.41 3.01 -6.02
CA PHE A 322 2.50 2.75 -5.10
C PHE A 322 3.63 2.01 -5.83
N GLY A 323 4.85 2.28 -5.40
CA GLY A 323 6.05 1.85 -6.14
C GLY A 323 6.38 0.38 -5.95
N GLU A 324 5.88 -0.25 -4.88
CA GLU A 324 6.32 -1.62 -4.58
C GLU A 324 6.01 -2.61 -5.69
N ARG A 325 4.85 -2.43 -6.35
CA ARG A 325 4.42 -3.19 -7.53
C ARG A 325 5.50 -3.20 -8.63
N TYR A 326 6.41 -2.21 -8.62
CA TYR A 326 7.35 -2.00 -9.71
C TYR A 326 8.79 -2.33 -9.29
N LEU A 327 8.98 -2.84 -8.09
CA LEU A 327 10.31 -3.08 -7.55
C LEU A 327 11.10 -4.00 -8.49
N SER A 328 10.45 -4.96 -9.16
CA SER A 328 11.20 -5.91 -9.97
CA SER A 328 11.06 -5.98 -10.00
C SER A 328 11.08 -5.59 -11.47
N THR A 329 10.76 -4.33 -11.80
CA THR A 329 10.65 -3.85 -13.17
C THR A 329 11.85 -2.96 -13.48
N THR A 330 11.90 -2.45 -14.72
CA THR A 330 12.99 -1.61 -15.19
C THR A 330 13.07 -0.30 -14.42
N LEU A 331 11.93 0.16 -13.89
CA LEU A 331 11.92 1.42 -13.17
C LEU A 331 12.95 1.42 -12.02
N TYR A 332 13.11 0.30 -11.30
CA TYR A 332 14.01 0.23 -10.14
C TYR A 332 15.16 -0.76 -10.33
N ARG A 333 15.41 -1.10 -11.60
CA ARG A 333 16.50 -2.00 -11.99
C ARG A 333 17.84 -1.49 -11.45
N SER A 334 18.05 -0.16 -11.50
CA SER A 334 19.34 0.39 -11.09
C SER A 334 19.61 0.00 -9.64
N VAL A 335 18.56 0.01 -8.80
CA VAL A 335 18.70 -0.28 -7.39
C VAL A 335 18.90 -1.78 -7.22
N ARG A 336 18.11 -2.58 -7.94
CA ARG A 336 18.22 -4.02 -7.82
C ARG A 336 19.63 -4.46 -8.19
N ASP A 337 20.14 -3.96 -9.31
CA ASP A 337 21.44 -4.37 -9.83
C ASP A 337 22.54 -4.03 -8.83
N GLU A 338 22.41 -2.87 -8.19
CA GLU A 338 23.34 -2.47 -7.15
C GLU A 338 23.38 -3.41 -5.93
N VAL A 339 22.24 -3.67 -5.28
CA VAL A 339 22.26 -4.49 -4.08
C VAL A 339 22.58 -5.95 -4.42
N SER A 340 22.51 -6.35 -5.69
CA SER A 340 22.68 -7.76 -5.99
C SER A 340 24.17 -8.12 -6.00
N SER A 341 25.07 -7.13 -6.01
CA SER A 341 26.47 -7.47 -6.04
C SER A 341 27.27 -6.80 -4.92
N LEU A 342 26.60 -6.50 -3.79
CA LEU A 342 27.28 -5.96 -2.63
C LEU A 342 28.31 -6.92 -2.08
N PRO A 343 29.41 -6.41 -1.48
CA PRO A 343 30.36 -7.26 -0.79
C PRO A 343 29.76 -7.75 0.52
N VAL A 344 30.35 -8.82 1.06
CA VAL A 344 29.97 -9.34 2.36
C VAL A 344 31.15 -9.17 3.32
N VAL A 345 30.85 -8.69 4.53
CA VAL A 345 31.85 -8.51 5.56
C VAL A 345 32.42 -9.87 5.94
N ASP A 346 33.74 -9.96 6.08
CA ASP A 346 34.39 -11.21 6.42
C ASP A 346 34.12 -11.56 7.88
N ALA A 347 33.89 -12.87 8.17
CA ALA A 347 33.64 -13.32 9.54
C ALA A 347 34.79 -12.93 10.48
N SER A 348 36.02 -12.78 9.95
CA SER A 348 37.17 -12.42 10.78
C SER A 348 37.04 -11.01 11.38
N GLU A 349 36.19 -10.15 10.80
CA GLU A 349 36.01 -8.80 11.31
C GLU A 349 34.95 -8.72 12.41
N LEU A 350 34.30 -9.83 12.77
CA LEU A 350 33.08 -9.75 13.55
C LEU A 350 33.23 -10.39 14.93
N GLN A 351 34.28 -9.97 15.66
CA GLN A 351 34.61 -10.45 17.00
C GLN A 351 35.33 -9.33 17.76
N ALA B 21 -3.89 17.00 21.17
CA ALA B 21 -3.65 16.13 20.00
C ALA B 21 -3.74 16.94 18.71
N ALA B 22 -4.95 17.48 18.44
CA ALA B 22 -5.28 18.15 17.19
C ALA B 22 -5.09 17.20 16.02
N PRO B 23 -5.76 15.99 16.02
CA PRO B 23 -5.40 14.89 15.12
C PRO B 23 -5.66 15.27 13.66
N PHE B 24 -4.69 14.93 12.80
CA PHE B 24 -4.62 15.52 11.47
C PHE B 24 -5.75 15.01 10.58
N ASP B 25 -6.54 15.91 9.97
CA ASP B 25 -7.62 15.44 9.13
C ASP B 25 -7.12 15.30 7.69
N LYS B 26 -6.64 14.10 7.35
CA LYS B 26 -5.86 13.86 6.13
C LYS B 26 -6.76 13.72 4.93
N SER B 27 -8.00 13.28 5.12
CA SER B 27 -8.95 13.29 4.03
C SER B 27 -9.35 14.74 3.71
N LYS B 28 -9.02 15.72 4.57
CA LYS B 28 -9.48 17.10 4.34
C LYS B 28 -8.42 18.21 4.31
N ASN B 29 -7.10 17.94 4.45
CA ASN B 29 -6.05 18.96 4.51
C ASN B 29 -4.84 18.45 3.70
N VAL B 30 -3.84 19.29 3.41
CA VAL B 30 -2.60 18.81 2.79
C VAL B 30 -1.55 18.59 3.88
N ALA B 31 -0.91 17.41 3.86
CA ALA B 31 0.10 17.09 4.85
C ALA B 31 1.42 17.77 4.52
N GLN B 32 2.15 18.19 5.57
CA GLN B 32 3.46 18.80 5.42
C GLN B 32 4.55 17.72 5.28
N SER B 33 4.26 16.52 5.79
CA SER B 33 5.23 15.41 5.78
C SER B 33 4.46 14.10 5.68
N ILE B 34 5.08 13.07 5.09
CA ILE B 34 4.40 11.78 4.96
C ILE B 34 4.21 11.09 6.31
N ASP B 35 4.99 11.50 7.34
CA ASP B 35 4.82 11.10 8.72
CA ASP B 35 4.79 10.99 8.68
C ASP B 35 3.40 11.37 9.23
N GLN B 36 2.78 12.44 8.73
CA GLN B 36 1.45 12.76 9.18
C GLN B 36 0.42 11.77 8.66
N LEU B 37 0.78 10.93 7.68
CA LEU B 37 -0.15 9.95 7.12
C LEU B 37 -0.03 8.60 7.84
N ILE B 38 0.92 8.50 8.76
CA ILE B 38 1.10 7.30 9.57
C ILE B 38 -0.01 7.21 10.60
N GLY B 39 -0.46 5.99 10.89
CA GLY B 39 -1.56 5.83 11.82
C GLY B 39 -2.89 6.31 11.26
N GLN B 40 -3.87 6.47 12.18
CA GLN B 40 -5.26 6.76 11.86
C GLN B 40 -5.71 5.84 10.72
N THR B 41 -5.43 4.53 10.90
CA THR B 41 -5.75 3.55 9.89
C THR B 41 -7.21 3.15 10.02
N PRO B 42 -7.81 2.61 8.93
CA PRO B 42 -9.19 2.18 8.92
C PRO B 42 -9.34 0.91 9.73
N ALA B 43 -10.60 0.68 10.08
CA ALA B 43 -11.04 -0.57 10.66
C ALA B 43 -12.17 -1.13 9.80
N LEU B 44 -12.17 -2.45 9.61
CA LEU B 44 -13.04 -3.09 8.66
C LEU B 44 -13.64 -4.36 9.28
N TYR B 45 -14.97 -4.51 9.16
CA TYR B 45 -15.60 -5.76 9.53
C TYR B 45 -15.28 -6.86 8.53
N LEU B 46 -14.96 -8.05 9.05
CA LEU B 46 -14.85 -9.25 8.23
C LEU B 46 -16.30 -9.61 7.85
N ASN B 47 -16.55 -9.94 6.58
CA ASN B 47 -17.91 -10.20 6.12
CA ASN B 47 -17.92 -10.20 6.12
C ASN B 47 -18.01 -11.64 5.63
N LYS B 48 -17.64 -11.91 4.36
CA LYS B 48 -17.89 -13.22 3.78
C LYS B 48 -17.18 -14.32 4.56
N LEU B 49 -15.97 -14.07 5.08
CA LEU B 49 -15.21 -15.12 5.75
C LEU B 49 -15.74 -15.43 7.16
N ASN B 50 -16.53 -14.49 7.70
CA ASN B 50 -17.07 -14.61 9.04
C ASN B 50 -18.43 -15.28 8.96
N ASN B 51 -18.45 -16.58 9.27
CA ASN B 51 -19.73 -17.30 9.26
CA ASN B 51 -19.66 -17.39 9.27
C ASN B 51 -20.24 -17.51 10.69
N THR B 52 -19.79 -16.68 11.64
CA THR B 52 -20.13 -16.86 13.05
C THR B 52 -21.19 -15.86 13.47
N LYS B 53 -21.55 -15.94 14.75
CA LYS B 53 -22.46 -15.01 15.36
C LYS B 53 -21.75 -13.84 16.07
N ALA B 54 -20.41 -13.75 15.95
CA ALA B 54 -19.64 -12.65 16.52
C ALA B 54 -19.27 -11.67 15.40
N LYS B 55 -18.99 -10.43 15.77
CA LYS B 55 -18.43 -9.43 14.89
C LYS B 55 -16.91 -9.48 15.02
N VAL B 56 -16.24 -9.43 13.86
CA VAL B 56 -14.79 -9.42 13.81
C VAL B 56 -14.35 -8.15 13.09
N VAL B 57 -13.58 -7.33 13.80
CA VAL B 57 -13.08 -6.07 13.30
C VAL B 57 -11.58 -6.23 13.00
N LEU B 58 -11.17 -5.82 11.80
CA LEU B 58 -9.77 -5.83 11.40
C LEU B 58 -9.24 -4.40 11.43
N LYS B 59 -8.18 -4.21 12.23
CA LYS B 59 -7.49 -2.93 12.31
C LYS B 59 -6.45 -2.96 11.18
N MET B 60 -6.66 -2.12 10.17
CA MET B 60 -5.98 -2.26 8.88
C MET B 60 -4.66 -1.52 8.85
N GLU B 61 -3.66 -2.04 9.56
CA GLU B 61 -2.34 -1.43 9.61
C GLU B 61 -1.56 -1.57 8.29
N CYS B 62 -2.00 -2.50 7.43
CA CYS B 62 -1.55 -2.63 6.05
C CYS B 62 -1.74 -1.30 5.28
N GLU B 63 -2.58 -0.37 5.76
CA GLU B 63 -2.88 0.86 5.03
C GLU B 63 -2.00 2.04 5.44
N ASN B 64 -1.01 1.82 6.32
CA ASN B 64 0.04 2.80 6.58
C ASN B 64 0.79 3.13 5.30
N PRO B 65 1.51 4.25 5.27
CA PRO B 65 2.17 4.71 4.04
C PRO B 65 3.26 3.84 3.49
N MET B 66 3.92 3.04 4.34
CA MET B 66 4.89 2.08 3.85
C MET B 66 4.40 0.65 4.13
N ALA B 67 3.07 0.52 4.27
CA ALA B 67 2.33 -0.72 4.12
C ALA B 67 2.53 -1.69 5.28
N SER B 68 2.84 -1.16 6.48
CA SER B 68 2.88 -1.99 7.66
CA SER B 68 3.00 -1.98 7.67
C SER B 68 2.72 -1.15 8.93
N VAL B 69 2.31 -1.85 10.00
CA VAL B 69 2.17 -1.30 11.34
C VAL B 69 3.50 -0.72 11.87
N LYS B 70 4.65 -1.20 11.36
CA LYS B 70 5.96 -0.76 11.82
C LYS B 70 6.25 0.70 11.47
N ASP B 71 5.49 1.30 10.54
CA ASP B 71 5.60 2.72 10.29
C ASP B 71 5.34 3.51 11.59
N ARG B 72 4.46 3.00 12.45
CA ARG B 72 4.21 3.68 13.71
C ARG B 72 5.47 3.66 14.59
N LEU B 73 6.18 2.55 14.55
CA LEU B 73 7.40 2.39 15.36
C LEU B 73 8.56 3.22 14.79
N GLY B 74 8.70 3.26 13.45
CA GLY B 74 9.70 4.12 12.85
C GLY B 74 9.49 5.57 13.24
N PHE B 75 8.23 6.02 13.17
CA PHE B 75 7.86 7.38 13.55
C PHE B 75 8.18 7.63 15.02
N ALA B 76 7.79 6.70 15.90
CA ALA B 76 8.04 6.84 17.34
C ALA B 76 9.54 6.97 17.63
N ILE B 77 10.35 6.16 16.95
CA ILE B 77 11.79 6.15 17.16
C ILE B 77 12.38 7.54 16.86
N TYR B 78 12.07 8.10 15.69
CA TYR B 78 12.61 9.39 15.30
C TYR B 78 12.03 10.47 16.21
N ASP B 79 10.71 10.47 16.40
CA ASP B 79 10.02 11.52 17.14
C ASP B 79 10.54 11.57 18.58
N LYS B 80 10.48 10.42 19.26
CA LYS B 80 10.78 10.36 20.68
C LYS B 80 12.28 10.48 20.94
N ALA B 81 13.11 9.87 20.09
CA ALA B 81 14.55 9.90 20.32
C ALA B 81 15.09 11.32 20.08
N GLU B 82 14.50 12.04 19.13
CA GLU B 82 14.88 13.43 18.87
C GLU B 82 14.51 14.30 20.08
N LYS B 83 13.31 14.11 20.64
CA LYS B 83 12.91 14.85 21.83
C LYS B 83 13.81 14.53 23.02
N GLU B 84 14.39 13.33 23.09
CA GLU B 84 15.29 13.00 24.17
C GLU B 84 16.71 13.53 23.91
N GLY B 85 16.95 14.11 22.73
CA GLY B 85 18.28 14.56 22.33
C GLY B 85 19.23 13.43 21.90
N LYS B 86 18.70 12.23 21.65
CA LYS B 86 19.53 11.06 21.34
C LYS B 86 19.65 10.84 19.83
N LEU B 87 18.81 11.51 19.02
CA LEU B 87 19.02 11.58 17.58
C LEU B 87 19.03 13.05 17.18
N ILE B 88 20.07 13.45 16.45
CA ILE B 88 20.21 14.84 16.03
C ILE B 88 20.17 14.87 14.51
N PRO B 89 19.10 15.44 13.89
CA PRO B 89 19.00 15.48 12.44
C PRO B 89 20.24 16.15 11.82
N GLY B 90 20.76 15.57 10.73
CA GLY B 90 21.95 16.08 10.08
C GLY B 90 23.28 15.66 10.75
N LYS B 91 23.24 14.92 11.86
CA LYS B 91 24.45 14.55 12.58
C LYS B 91 24.44 13.05 12.89
N SER B 92 23.35 12.54 13.48
CA SER B 92 23.34 11.14 13.89
C SER B 92 23.30 10.26 12.65
N ILE B 93 23.93 9.08 12.73
CA ILE B 93 23.80 8.02 11.74
C ILE B 93 23.01 6.88 12.38
N VAL B 94 21.89 6.52 11.75
CA VAL B 94 21.03 5.53 12.34
C VAL B 94 21.49 4.15 11.89
N VAL B 95 21.78 3.27 12.87
CA VAL B 95 22.32 1.96 12.60
C VAL B 95 21.36 0.91 13.13
N GLU B 96 20.84 0.12 12.19
CA GLU B 96 19.73 -0.80 12.43
C GLU B 96 20.14 -2.18 11.94
N SER B 97 20.12 -3.16 12.85
CA SER B 97 20.51 -4.53 12.55
C SER B 97 19.29 -5.40 12.28
N SER B 98 18.40 -4.95 11.40
CA SER B 98 17.26 -5.76 10.98
C SER B 98 16.82 -5.26 9.61
N SER B 99 16.25 -6.16 8.79
CA SER B 99 15.89 -5.88 7.42
C SER B 99 14.39 -6.08 7.18
N GLY B 100 13.63 -6.20 8.28
CA GLY B 100 12.18 -6.38 8.26
C GLY B 100 11.44 -5.05 8.12
N ASN B 101 10.16 -5.01 8.51
CA ASN B 101 9.39 -3.81 8.28
C ASN B 101 9.85 -2.64 9.16
N THR B 102 10.48 -2.93 10.31
CA THR B 102 10.97 -1.85 11.15
C THR B 102 12.17 -1.17 10.47
N GLY B 103 13.05 -2.00 9.91
CA GLY B 103 14.16 -1.52 9.09
C GLY B 103 13.71 -0.65 7.91
N VAL B 104 12.67 -1.10 7.20
CA VAL B 104 12.09 -0.35 6.09
C VAL B 104 11.61 1.01 6.58
N SER B 105 10.82 1.03 7.65
CA SER B 105 10.31 2.27 8.21
C SER B 105 11.45 3.20 8.62
N LEU B 106 12.50 2.67 9.29
CA LEU B 106 13.62 3.50 9.68
C LEU B 106 14.32 4.09 8.45
N ALA B 107 14.50 3.31 7.39
CA ALA B 107 15.16 3.82 6.20
C ALA B 107 14.30 4.88 5.51
N HIS B 108 13.00 4.58 5.40
CA HIS B 108 12.02 5.45 4.78
C HIS B 108 11.97 6.80 5.51
N LEU B 109 11.72 6.78 6.82
CA LEU B 109 11.60 8.03 7.57
C LEU B 109 12.95 8.73 7.82
N GLY B 110 14.02 7.98 7.86
CA GLY B 110 15.34 8.57 8.01
C GLY B 110 15.71 9.42 6.80
N ALA B 111 15.38 8.93 5.59
CA ALA B 111 15.67 9.63 4.37
C ALA B 111 15.06 11.04 4.42
N ILE B 112 13.78 11.09 4.77
CA ILE B 112 13.03 12.33 4.69
C ILE B 112 13.51 13.30 5.77
N ARG B 113 14.01 12.79 6.90
CA ARG B 113 14.52 13.62 7.99
C ARG B 113 16.01 14.00 7.82
N GLY B 114 16.68 13.46 6.79
CA GLY B 114 18.05 13.83 6.48
C GLY B 114 19.08 12.99 7.26
N TYR B 115 18.68 11.81 7.76
CA TYR B 115 19.64 10.96 8.44
C TYR B 115 20.19 9.97 7.41
N LYS B 116 21.50 9.72 7.48
CA LYS B 116 22.02 8.47 6.95
C LYS B 116 21.51 7.32 7.80
N VAL B 117 21.08 6.27 7.11
CA VAL B 117 20.67 5.02 7.72
C VAL B 117 21.52 3.88 7.19
N ILE B 118 22.06 3.08 8.12
CA ILE B 118 22.79 1.88 7.80
C ILE B 118 21.94 0.68 8.28
N ILE B 119 21.80 -0.30 7.40
CA ILE B 119 21.18 -1.57 7.73
C ILE B 119 22.28 -2.61 7.66
N THR B 120 22.46 -3.35 8.77
CA THR B 120 23.26 -4.56 8.72
C THR B 120 22.31 -5.74 8.60
N MET B 121 22.63 -6.66 7.70
CA MET B 121 21.77 -7.82 7.49
C MET B 121 22.56 -8.98 6.91
N PRO B 122 22.24 -10.24 7.32
CA PRO B 122 22.86 -11.40 6.70
C PRO B 122 22.68 -11.41 5.19
N GLU B 123 23.70 -11.88 4.49
CA GLU B 123 23.66 -12.05 3.04
C GLU B 123 22.54 -13.00 2.60
N SER B 124 22.05 -13.84 3.52
CA SER B 124 21.06 -14.83 3.22
C SER B 124 19.64 -14.24 3.21
N MET B 125 19.47 -13.01 3.72
CA MET B 125 18.14 -12.40 3.68
C MET B 125 17.83 -12.08 2.21
N SER B 126 16.53 -11.97 1.89
CA SER B 126 16.10 -11.90 0.50
C SER B 126 16.64 -10.65 -0.20
N LEU B 127 16.95 -10.83 -1.48
CA LEU B 127 17.33 -9.75 -2.35
C LEU B 127 16.27 -8.65 -2.38
N GLU B 128 14.99 -9.05 -2.30
CA GLU B 128 13.89 -8.08 -2.34
C GLU B 128 13.95 -7.15 -1.12
N ARG B 129 14.32 -7.68 0.05
CA ARG B 129 14.45 -6.88 1.26
C ARG B 129 15.59 -5.87 1.07
N ARG B 130 16.72 -6.34 0.49
CA ARG B 130 17.84 -5.44 0.23
C ARG B 130 17.40 -4.30 -0.66
N CYS B 131 16.64 -4.64 -1.72
CA CYS B 131 16.24 -3.65 -2.71
CA CYS B 131 16.26 -3.65 -2.70
C CYS B 131 15.37 -2.57 -2.06
N LEU B 132 14.39 -3.00 -1.26
CA LEU B 132 13.43 -2.03 -0.72
C LEU B 132 14.15 -1.04 0.19
N LEU B 133 15.08 -1.55 1.01
CA LEU B 133 15.84 -0.69 1.89
C LEU B 133 16.69 0.32 1.10
N ARG B 134 17.33 -0.16 0.03
CA ARG B 134 18.19 0.69 -0.77
C ARG B 134 17.39 1.71 -1.58
N ILE B 135 16.14 1.41 -1.91
CA ILE B 135 15.23 2.38 -2.54
C ILE B 135 15.28 3.69 -1.75
N PHE B 136 15.26 3.59 -0.40
CA PHE B 136 15.23 4.77 0.47
C PHE B 136 16.62 5.36 0.74
N GLY B 137 17.64 4.80 0.09
CA GLY B 137 18.96 5.39 0.19
C GLY B 137 19.75 4.91 1.41
N ALA B 138 19.26 3.86 2.08
CA ALA B 138 19.98 3.26 3.19
C ALA B 138 21.27 2.65 2.65
N GLU B 139 22.31 2.66 3.48
CA GLU B 139 23.49 1.87 3.20
C GLU B 139 23.25 0.46 3.74
N VAL B 140 23.20 -0.50 2.82
CA VAL B 140 22.95 -1.90 3.15
C VAL B 140 24.30 -2.61 3.23
N ILE B 141 24.62 -3.16 4.42
CA ILE B 141 25.85 -3.87 4.69
C ILE B 141 25.49 -5.32 4.96
N LEU B 142 26.12 -6.24 4.22
CA LEU B 142 25.84 -7.65 4.36
C LEU B 142 26.87 -8.33 5.25
N THR B 143 26.36 -9.28 6.07
CA THR B 143 27.20 -10.04 6.99
C THR B 143 27.06 -11.52 6.66
N PRO B 144 28.03 -12.37 7.07
CA PRO B 144 28.07 -13.75 6.59
C PRO B 144 26.83 -14.53 7.00
N ALA B 145 26.31 -15.35 6.09
CA ALA B 145 25.17 -16.18 6.36
C ALA B 145 25.40 -17.02 7.62
N ALA B 146 26.61 -17.54 7.78
CA ALA B 146 26.87 -18.50 8.85
C ALA B 146 26.72 -17.83 10.21
N LEU B 147 26.89 -16.50 10.31
CA LEU B 147 26.81 -15.85 11.61
C LEU B 147 25.39 -15.36 11.90
N GLY B 148 24.50 -15.41 10.90
CA GLY B 148 23.11 -14.99 11.08
C GLY B 148 22.94 -13.60 11.70
N MET B 149 21.87 -13.45 12.48
CA MET B 149 21.50 -12.20 13.11
C MET B 149 22.64 -11.68 14.00
N LYS B 150 23.35 -12.59 14.70
CA LYS B 150 24.40 -12.16 15.61
C LYS B 150 25.54 -11.44 14.89
N GLY B 151 25.86 -11.85 13.67
CA GLY B 151 26.86 -11.17 12.87
C GLY B 151 26.41 -9.77 12.42
N ALA B 152 25.11 -9.62 12.10
CA ALA B 152 24.58 -8.30 11.78
C ALA B 152 24.65 -7.36 12.99
N VAL B 153 24.29 -7.89 14.17
CA VAL B 153 24.40 -7.14 15.41
C VAL B 153 25.87 -6.75 15.69
N ALA B 154 26.82 -7.66 15.49
CA ALA B 154 28.22 -7.39 15.77
C ALA B 154 28.72 -6.31 14.83
N MET B 155 28.26 -6.35 13.56
CA MET B 155 28.70 -5.35 12.60
C MET B 155 28.14 -3.96 12.98
N ALA B 156 26.86 -3.88 13.38
CA ALA B 156 26.28 -2.62 13.87
C ALA B 156 27.08 -2.04 15.05
N LYS B 157 27.41 -2.90 16.02
CA LYS B 157 28.23 -2.53 17.18
C LYS B 157 29.57 -1.92 16.78
N LYS B 158 30.24 -2.55 15.82
CA LYS B 158 31.53 -2.11 15.32
C LYS B 158 31.45 -0.68 14.76
N ILE B 159 30.36 -0.39 14.02
CA ILE B 159 30.19 0.92 13.40
C ILE B 159 30.08 1.99 14.49
N VAL B 160 29.19 1.71 15.45
CA VAL B 160 28.91 2.62 16.54
C VAL B 160 30.12 2.80 17.47
N ALA B 161 30.90 1.74 17.69
CA ALA B 161 32.12 1.84 18.49
C ALA B 161 33.12 2.81 17.86
N ALA B 162 33.12 2.96 16.52
CA ALA B 162 34.12 3.80 15.85
C ALA B 162 33.66 5.25 15.68
N ASN B 163 32.36 5.54 15.85
CA ASN B 163 31.83 6.86 15.63
C ASN B 163 30.76 7.16 16.67
N PRO B 164 31.01 8.11 17.60
CA PRO B 164 30.01 8.46 18.61
C PRO B 164 28.74 9.08 18.03
N ASN B 165 28.76 9.52 16.76
CA ASN B 165 27.55 10.08 16.17
C ASN B 165 26.63 8.96 15.61
N ALA B 166 27.15 7.74 15.47
CA ALA B 166 26.35 6.60 15.04
C ALA B 166 25.60 6.05 16.24
N VAL B 167 24.33 5.68 16.03
CA VAL B 167 23.42 5.31 17.10
C VAL B 167 22.70 4.02 16.71
N LEU B 168 22.70 3.05 17.63
CA LEU B 168 21.96 1.81 17.47
C LEU B 168 20.47 2.07 17.66
N ALA B 169 19.70 1.75 16.62
CA ALA B 169 18.27 2.01 16.60
C ALA B 169 17.49 0.98 17.42
N ASP B 170 18.05 -0.22 17.61
CA ASP B 170 17.28 -1.29 18.20
C ASP B 170 16.94 -0.99 19.66
N GLN B 171 17.78 -0.20 20.34
CA GLN B 171 17.52 0.23 21.70
C GLN B 171 16.20 1.00 21.77
N PHE B 172 15.91 1.80 20.72
CA PHE B 172 14.74 2.64 20.67
C PHE B 172 13.50 1.82 20.32
N ALA B 173 13.65 0.80 19.44
CA ALA B 173 12.54 -0.08 19.12
C ALA B 173 12.03 -0.75 20.38
N THR B 174 12.97 -1.22 21.21
CA THR B 174 12.67 -1.82 22.49
C THR B 174 11.93 -0.86 23.39
N LYS B 175 12.49 0.34 23.57
CA LYS B 175 11.96 1.30 24.51
C LYS B 175 10.57 1.81 24.12
N TYR B 176 10.28 1.98 22.82
CA TYR B 176 9.08 2.73 22.42
C TYR B 176 7.99 1.88 21.76
N ASN B 177 8.23 0.61 21.44
CA ASN B 177 7.24 -0.15 20.69
C ASN B 177 5.90 -0.20 21.42
N ALA B 178 5.89 -0.77 22.63
CA ALA B 178 4.62 -0.90 23.35
C ALA B 178 3.99 0.47 23.58
N LEU B 179 4.80 1.49 23.87
CA LEU B 179 4.32 2.82 24.16
C LEU B 179 3.54 3.45 22.99
N ILE B 180 4.05 3.34 21.77
CA ILE B 180 3.38 4.01 20.67
C ILE B 180 2.01 3.38 20.41
N HIS B 181 1.86 2.07 20.62
CA HIS B 181 0.59 1.40 20.40
C HIS B 181 -0.40 1.71 21.54
N GLU B 182 0.15 1.98 22.73
CA GLU B 182 -0.66 2.46 23.84
C GLU B 182 -1.20 3.84 23.54
N GLU B 183 -0.37 4.68 22.91
CA GLU B 183 -0.69 6.07 22.68
C GLU B 183 -1.57 6.28 21.44
N THR B 184 -1.51 5.41 20.42
CA THR B 184 -2.14 5.71 19.15
C THR B 184 -3.07 4.56 18.73
N THR B 185 -2.49 3.39 18.43
CA THR B 185 -3.24 2.28 17.86
C THR B 185 -4.41 1.90 18.75
N GLY B 186 -4.13 1.70 20.03
CA GLY B 186 -5.13 1.28 21.01
C GLY B 186 -6.27 2.28 21.10
N PRO B 187 -5.98 3.59 21.38
CA PRO B 187 -7.04 4.59 21.39
C PRO B 187 -7.84 4.68 20.10
N GLU B 188 -7.20 4.45 18.93
CA GLU B 188 -7.94 4.50 17.68
C GLU B 188 -8.97 3.36 17.62
N ILE B 189 -8.59 2.17 18.07
CA ILE B 189 -9.49 1.02 18.05
C ILE B 189 -10.66 1.32 18.97
N TRP B 190 -10.34 1.88 20.14
CA TRP B 190 -11.34 2.23 21.16
C TRP B 190 -12.37 3.17 20.56
N GLU B 191 -11.90 4.21 19.84
CA GLU B 191 -12.82 5.16 19.24
CA GLU B 191 -12.79 5.17 19.21
C GLU B 191 -13.60 4.52 18.09
N GLN B 192 -12.91 3.78 17.20
CA GLN B 192 -13.56 3.21 16.03
C GLN B 192 -14.68 2.23 16.41
N THR B 193 -14.48 1.48 17.48
CA THR B 193 -15.47 0.49 17.88
C THR B 193 -16.54 1.10 18.80
N ASN B 194 -16.46 2.42 19.05
CA ASN B 194 -17.37 3.14 19.94
CA ASN B 194 -17.38 3.12 19.94
C ASN B 194 -17.34 2.53 21.34
N HIS B 195 -16.13 2.23 21.87
CA HIS B 195 -15.89 1.74 23.22
C HIS B 195 -16.52 0.37 23.45
N ASN B 196 -16.48 -0.49 22.43
CA ASN B 196 -17.14 -1.78 22.51
C ASN B 196 -16.17 -2.84 21.99
N VAL B 197 -15.27 -3.29 22.87
CA VAL B 197 -14.30 -4.33 22.54
C VAL B 197 -14.43 -5.44 23.57
N ASP B 198 -14.79 -6.65 23.11
CA ASP B 198 -14.97 -7.79 24.00
C ASP B 198 -13.73 -8.69 24.00
N CYS B 199 -12.97 -8.60 22.90
CA CYS B 199 -11.77 -9.37 22.74
C CYS B 199 -10.83 -8.65 21.79
N PHE B 200 -9.54 -8.68 22.12
CA PHE B 200 -8.47 -8.19 21.25
C PHE B 200 -7.42 -9.28 21.08
N ILE B 201 -7.06 -9.49 19.81
CA ILE B 201 -6.25 -10.62 19.40
C ILE B 201 -5.08 -10.09 18.57
N ALA B 202 -3.89 -10.51 18.93
CA ALA B 202 -2.74 -10.17 18.11
C ALA B 202 -1.55 -11.08 18.41
N GLY B 203 -0.53 -11.06 17.54
CA GLY B 203 0.60 -11.95 17.64
C GLY B 203 1.57 -11.65 18.78
N VAL B 204 2.26 -12.71 19.21
CA VAL B 204 3.37 -12.65 20.15
C VAL B 204 4.59 -12.12 19.41
N GLY B 205 5.61 -11.78 20.19
CA GLY B 205 6.88 -11.40 19.59
C GLY B 205 6.91 -9.90 19.34
N THR B 206 8.11 -9.33 19.52
CA THR B 206 8.31 -7.91 19.59
C THR B 206 7.97 -7.30 18.24
N GLY B 207 7.65 -6.01 18.23
CA GLY B 207 7.14 -5.37 17.03
C GLY B 207 5.62 -5.33 17.01
N GLY B 208 5.00 -6.16 17.86
CA GLY B 208 3.56 -6.29 17.95
C GLY B 208 2.81 -5.11 18.59
N THR B 209 1.53 -5.00 18.19
CA THR B 209 0.57 -4.16 18.88
C THR B 209 0.11 -4.74 20.22
N LEU B 210 0.35 -6.02 20.51
CA LEU B 210 -0.40 -6.72 21.55
C LEU B 210 -0.29 -6.03 22.91
N THR B 211 0.94 -5.82 23.41
CA THR B 211 1.15 -5.26 24.75
C THR B 211 0.58 -3.85 24.87
N GLY B 212 0.87 -3.01 23.89
CA GLY B 212 0.48 -1.62 23.97
C GLY B 212 -1.03 -1.43 23.82
N VAL B 213 -1.66 -2.20 22.91
CA VAL B 213 -3.09 -2.09 22.74
C VAL B 213 -3.79 -2.62 24.02
N ALA B 214 -3.30 -3.73 24.55
CA ALA B 214 -3.89 -4.29 25.76
C ALA B 214 -3.84 -3.28 26.91
N ARG B 215 -2.68 -2.61 27.07
CA ARG B 215 -2.49 -1.58 28.08
C ARG B 215 -3.43 -0.41 27.87
N ALA B 216 -3.61 0.03 26.61
CA ALA B 216 -4.53 1.11 26.30
C ALA B 216 -5.96 0.74 26.73
N LEU B 217 -6.37 -0.48 26.37
CA LEU B 217 -7.73 -0.96 26.67
C LEU B 217 -7.90 -0.97 28.19
N LYS B 218 -6.94 -1.53 28.92
CA LYS B 218 -7.07 -1.68 30.38
C LYS B 218 -7.12 -0.30 31.05
N LYS B 219 -6.30 0.65 30.58
CA LYS B 219 -6.36 2.02 31.09
C LYS B 219 -7.74 2.64 30.90
N MET B 220 -8.42 2.28 29.79
CA MET B 220 -9.71 2.84 29.48
C MET B 220 -10.79 2.11 30.27
N GLY B 221 -10.40 1.08 31.04
CA GLY B 221 -11.35 0.36 31.88
C GLY B 221 -12.02 -0.81 31.17
N SER B 222 -11.48 -1.20 30.00
CA SER B 222 -12.04 -2.30 29.25
C SER B 222 -11.56 -3.60 29.89
N HIS B 223 -12.49 -4.52 30.02
CA HIS B 223 -12.14 -5.87 30.47
C HIS B 223 -12.22 -6.85 29.30
N ALA B 224 -11.86 -6.37 28.09
CA ALA B 224 -11.75 -7.24 26.94
C ALA B 224 -10.79 -8.38 27.26
N ARG B 225 -11.13 -9.54 26.71
CA ARG B 225 -10.24 -10.68 26.70
C ARG B 225 -9.11 -10.40 25.74
N ILE B 226 -7.90 -10.62 26.23
CA ILE B 226 -6.71 -10.47 25.39
C ILE B 226 -6.18 -11.83 25.01
N VAL B 227 -6.08 -12.06 23.68
CA VAL B 227 -5.62 -13.33 23.16
C VAL B 227 -4.33 -13.12 22.38
N ALA B 228 -3.28 -13.84 22.78
CA ALA B 228 -2.00 -13.85 22.08
C ALA B 228 -2.02 -14.98 21.06
N VAL B 229 -1.60 -14.66 19.83
CA VAL B 229 -1.50 -15.63 18.75
C VAL B 229 -0.03 -16.06 18.63
N GLU B 230 0.17 -17.38 18.68
CA GLU B 230 1.49 -17.98 18.69
C GLU B 230 1.59 -18.90 17.48
N PRO B 231 2.30 -18.49 16.41
CA PRO B 231 2.45 -19.32 15.22
CA PRO B 231 2.45 -19.32 15.22
C PRO B 231 3.29 -20.54 15.57
N THR B 232 2.96 -21.70 14.98
CA THR B 232 3.74 -22.91 15.11
C THR B 232 3.73 -23.63 13.75
N GLU B 233 4.83 -24.30 13.39
CA GLU B 233 4.88 -25.12 12.19
C GLU B 233 4.54 -24.29 10.93
N LEU B 259 2.39 -7.50 32.41
CA LEU B 259 2.98 -7.40 31.04
C LEU B 259 2.84 -8.77 30.35
N ASP B 260 3.94 -9.31 29.80
CA ASP B 260 3.89 -10.57 29.09
C ASP B 260 3.42 -11.68 30.06
N ARG B 261 2.34 -11.41 30.82
CA ARG B 261 1.87 -12.30 31.84
C ARG B 261 0.40 -11.99 32.11
N SER B 262 0.16 -11.01 32.99
CA SER B 262 -1.16 -10.55 33.38
C SER B 262 -1.95 -10.04 32.18
N LEU B 263 -1.24 -9.66 31.10
CA LEU B 263 -1.94 -9.00 30.00
C LEU B 263 -2.68 -10.01 29.14
N ILE B 264 -2.21 -11.27 29.15
CA ILE B 264 -2.69 -12.31 28.23
C ILE B 264 -3.65 -13.26 28.95
N ASP B 265 -4.89 -13.32 28.46
CA ASP B 265 -5.91 -14.20 29.01
C ASP B 265 -5.80 -15.61 28.42
N GLU B 266 -5.35 -15.70 27.17
CA GLU B 266 -5.41 -16.95 26.42
C GLU B 266 -4.34 -16.88 25.33
N VAL B 267 -3.68 -18.01 25.11
CA VAL B 267 -2.76 -18.18 24.01
C VAL B 267 -3.42 -19.12 23.00
N LEU B 268 -3.39 -18.73 21.73
CA LEU B 268 -3.98 -19.54 20.70
C LEU B 268 -2.87 -19.89 19.72
N CYS B 269 -2.59 -21.19 19.62
CA CYS B 269 -1.56 -21.66 18.72
CA CYS B 269 -1.57 -21.70 18.73
C CYS B 269 -2.16 -21.82 17.32
N VAL B 270 -1.48 -21.25 16.32
CA VAL B 270 -1.94 -21.32 14.95
C VAL B 270 -0.85 -21.98 14.12
N ALA B 271 -1.19 -23.08 13.45
CA ALA B 271 -0.25 -23.72 12.55
C ALA B 271 0.00 -22.83 11.33
N GLY B 272 1.26 -22.77 10.91
CA GLY B 272 1.67 -22.00 9.75
C GLY B 272 0.79 -22.26 8.53
N ASP B 273 0.40 -23.52 8.30
CA ASP B 273 -0.41 -23.88 7.15
C ASP B 273 -1.79 -23.22 7.24
N ASP B 274 -2.33 -23.14 8.46
CA ASP B 274 -3.60 -22.46 8.67
C ASP B 274 -3.47 -20.95 8.41
N ALA B 275 -2.36 -20.36 8.82
CA ALA B 275 -2.14 -18.93 8.63
C ALA B 275 -2.06 -18.63 7.13
N ILE B 276 -1.29 -19.47 6.43
CA ILE B 276 -1.12 -19.32 4.99
C ILE B 276 -2.47 -19.48 4.27
N GLU B 277 -3.22 -20.56 4.53
CA GLU B 277 -4.48 -20.80 3.85
C GLU B 277 -5.46 -19.65 4.12
N THR B 278 -5.47 -19.16 5.37
CA THR B 278 -6.37 -18.07 5.73
C THR B 278 -6.03 -16.78 4.94
N ALA B 279 -4.74 -16.48 4.78
CA ALA B 279 -4.34 -15.30 4.02
C ALA B 279 -4.89 -15.38 2.59
N LEU B 280 -4.88 -16.56 1.98
CA LEU B 280 -5.34 -16.65 0.59
CA LEU B 280 -5.34 -16.76 0.61
C LEU B 280 -6.87 -16.64 0.55
N LYS B 281 -7.56 -17.23 1.55
CA LYS B 281 -9.00 -17.15 1.60
C LYS B 281 -9.47 -15.71 1.79
N LEU B 282 -8.75 -14.96 2.62
CA LEU B 282 -9.14 -13.61 2.99
CA LEU B 282 -9.07 -13.57 2.99
C LEU B 282 -9.19 -12.69 1.77
N THR B 283 -8.20 -12.83 0.87
CA THR B 283 -8.14 -12.03 -0.34
C THR B 283 -9.38 -12.30 -1.20
N ARG B 284 -9.76 -13.57 -1.36
CA ARG B 284 -10.87 -13.94 -2.21
C ARG B 284 -12.21 -13.61 -1.56
N SER B 285 -12.31 -13.70 -0.23
CA SER B 285 -13.60 -13.52 0.43
C SER B 285 -13.93 -12.04 0.67
N ASP B 286 -12.93 -11.29 1.17
CA ASP B 286 -13.10 -9.96 1.74
C ASP B 286 -12.18 -8.94 1.07
N GLY B 287 -11.24 -9.35 0.21
CA GLY B 287 -10.41 -8.39 -0.50
C GLY B 287 -9.31 -7.80 0.37
N VAL B 288 -8.97 -8.50 1.46
CA VAL B 288 -7.93 -8.08 2.36
C VAL B 288 -6.70 -8.89 2.00
N PHE B 289 -5.62 -8.18 1.66
CA PHE B 289 -4.40 -8.79 1.13
C PHE B 289 -3.28 -8.51 2.13
N CYS B 290 -2.86 -9.55 2.86
CA CYS B 290 -1.92 -9.36 3.96
C CYS B 290 -0.83 -10.45 3.98
N GLY B 291 0.00 -10.39 5.01
CA GLY B 291 1.07 -11.36 5.18
C GLY B 291 0.67 -12.48 6.12
N PHE B 292 1.70 -13.22 6.57
CA PHE B 292 1.53 -14.42 7.38
C PHE B 292 0.83 -14.08 8.71
N SER B 293 1.35 -13.05 9.36
CA SER B 293 0.86 -12.60 10.65
C SER B 293 -0.63 -12.26 10.62
N GLY B 294 -1.06 -11.54 9.57
CA GLY B 294 -2.48 -11.24 9.43
C GLY B 294 -3.34 -12.48 9.23
N GLY B 295 -2.83 -13.43 8.46
CA GLY B 295 -3.54 -14.67 8.26
C GLY B 295 -3.70 -15.46 9.56
N ALA B 296 -2.63 -15.47 10.37
CA ALA B 296 -2.68 -16.15 11.66
C ALA B 296 -3.69 -15.45 12.58
N ASN B 297 -3.68 -14.12 12.60
CA ASN B 297 -4.57 -13.37 13.46
C ASN B 297 -6.02 -13.64 13.10
N VAL B 298 -6.33 -13.63 11.77
CA VAL B 298 -7.69 -13.84 11.30
C VAL B 298 -8.13 -15.26 11.62
N TYR B 299 -7.24 -16.24 11.44
CA TYR B 299 -7.54 -17.62 11.82
C TYR B 299 -7.94 -17.69 13.30
N ALA B 300 -7.11 -17.08 14.15
CA ALA B 300 -7.33 -17.02 15.59
C ALA B 300 -8.67 -16.34 15.91
N ALA B 301 -8.92 -15.18 15.28
CA ALA B 301 -10.16 -14.44 15.51
C ALA B 301 -11.38 -15.28 15.17
N LEU B 302 -11.32 -16.05 14.09
CA LEU B 302 -12.43 -16.87 13.65
C LEU B 302 -12.66 -18.02 14.65
N LYS B 303 -11.60 -18.52 15.29
CA LYS B 303 -11.73 -19.52 16.34
C LYS B 303 -12.38 -18.92 17.58
N ILE B 304 -11.96 -17.73 18.01
CA ILE B 304 -12.60 -17.07 19.13
C ILE B 304 -14.06 -16.76 18.83
N ALA B 305 -14.35 -16.36 17.59
CA ALA B 305 -15.70 -15.98 17.16
C ALA B 305 -16.69 -17.14 17.27
N GLU B 306 -16.19 -18.38 17.22
CA GLU B 306 -17.05 -19.56 17.31
C GLU B 306 -17.26 -20.01 18.77
N ARG B 307 -16.58 -19.34 19.71
CA ARG B 307 -16.84 -19.61 21.12
C ARG B 307 -18.28 -19.17 21.42
N PRO B 308 -19.09 -20.05 22.06
CA PRO B 308 -20.49 -19.70 22.36
C PRO B 308 -20.66 -18.36 23.09
N GLU B 309 -19.79 -18.06 24.04
CA GLU B 309 -19.95 -16.84 24.82
C GLU B 309 -19.62 -15.59 24.00
N MET B 310 -19.07 -15.73 22.78
CA MET B 310 -18.78 -14.58 21.92
C MET B 310 -19.95 -14.21 21.01
N GLU B 311 -21.07 -14.92 21.10
CA GLU B 311 -22.24 -14.57 20.32
C GLU B 311 -22.60 -13.11 20.54
N GLY B 312 -22.68 -12.35 19.43
CA GLY B 312 -23.05 -10.94 19.45
C GLY B 312 -21.94 -10.00 19.92
N LYS B 313 -20.77 -10.54 20.28
CA LYS B 313 -19.69 -9.73 20.81
C LYS B 313 -18.82 -9.19 19.67
N THR B 314 -17.94 -8.25 20.04
CA THR B 314 -17.01 -7.64 19.09
C THR B 314 -15.58 -8.10 19.40
N ILE B 315 -14.95 -8.74 18.42
CA ILE B 315 -13.56 -9.20 18.48
C ILE B 315 -12.74 -8.32 17.54
N VAL B 316 -11.63 -7.76 18.03
CA VAL B 316 -10.78 -6.91 17.21
C VAL B 316 -9.46 -7.63 17.01
N THR B 317 -8.97 -7.64 15.75
CA THR B 317 -7.62 -8.10 15.52
C THR B 317 -6.91 -7.14 14.57
N VAL B 318 -5.68 -7.49 14.21
CA VAL B 318 -4.83 -6.57 13.46
C VAL B 318 -4.39 -7.27 12.17
N ILE B 319 -4.41 -6.50 11.08
CA ILE B 319 -3.73 -6.87 9.85
C ILE B 319 -2.43 -6.08 9.79
N PRO B 320 -1.28 -6.65 10.23
CA PRO B 320 -0.06 -5.85 10.36
C PRO B 320 0.53 -5.26 9.07
N SER B 321 0.42 -5.98 7.93
CA SER B 321 1.08 -5.54 6.72
CA SER B 321 1.15 -5.64 6.72
C SER B 321 0.35 -6.00 5.47
N PHE B 322 0.54 -5.21 4.42
CA PHE B 322 -0.01 -5.50 3.12
C PHE B 322 0.75 -6.66 2.48
N GLY B 323 0.03 -7.43 1.66
CA GLY B 323 0.50 -8.72 1.18
C GLY B 323 1.50 -8.61 0.03
N GLU B 324 1.57 -7.44 -0.64
CA GLU B 324 2.34 -7.34 -1.88
C GLU B 324 3.83 -7.60 -1.63
N ARG B 325 4.33 -7.15 -0.50
CA ARG B 325 5.72 -7.34 -0.09
C ARG B 325 6.09 -8.82 -0.08
N TYR B 326 5.09 -9.71 0.03
CA TYR B 326 5.36 -11.13 0.27
C TYR B 326 5.08 -12.00 -0.95
N LEU B 327 4.85 -11.36 -2.10
CA LEU B 327 4.40 -12.08 -3.27
C LEU B 327 5.53 -12.98 -3.77
N SER B 328 6.79 -12.59 -3.51
CA SER B 328 7.92 -13.38 -3.93
C SER B 328 8.35 -14.40 -2.87
N THR B 329 7.58 -14.55 -1.77
CA THR B 329 7.96 -15.42 -0.68
C THR B 329 7.09 -16.69 -0.65
N THR B 330 7.37 -17.60 0.28
CA THR B 330 6.69 -18.89 0.30
C THR B 330 5.22 -18.71 0.69
N LEU B 331 4.86 -17.60 1.34
CA LEU B 331 3.48 -17.37 1.68
C LEU B 331 2.54 -17.51 0.47
N TYR B 332 2.97 -17.10 -0.74
CA TYR B 332 2.08 -17.14 -1.90
C TYR B 332 2.61 -18.11 -2.96
N ARG B 333 3.47 -19.06 -2.54
CA ARG B 333 4.16 -19.94 -3.49
C ARG B 333 3.16 -20.84 -4.21
N SER B 334 2.09 -21.24 -3.51
CA SER B 334 1.02 -22.02 -4.11
C SER B 334 0.43 -21.30 -5.34
N VAL B 335 0.30 -19.98 -5.25
CA VAL B 335 -0.26 -19.18 -6.32
C VAL B 335 0.79 -18.99 -7.42
N ARG B 336 2.05 -18.75 -7.04
CA ARG B 336 3.11 -18.60 -8.04
C ARG B 336 3.25 -19.87 -8.88
N ASP B 337 3.15 -21.04 -8.25
CA ASP B 337 3.32 -22.32 -8.91
C ASP B 337 2.16 -22.54 -9.87
N GLU B 338 0.95 -22.18 -9.44
CA GLU B 338 -0.20 -22.24 -10.31
C GLU B 338 0.00 -21.37 -11.56
N VAL B 339 0.31 -20.08 -11.39
CA VAL B 339 0.34 -19.20 -12.56
C VAL B 339 1.57 -19.47 -13.42
N SER B 340 2.62 -20.07 -12.87
CA SER B 340 3.82 -20.28 -13.65
C SER B 340 3.66 -21.41 -14.67
N SER B 341 2.64 -22.29 -14.48
CA SER B 341 2.38 -23.42 -15.37
C SER B 341 1.16 -23.19 -16.28
N LEU B 342 0.60 -21.99 -16.33
CA LEU B 342 -0.58 -21.74 -17.15
C LEU B 342 -0.29 -22.02 -18.63
N PRO B 343 -1.28 -22.53 -19.39
CA PRO B 343 -1.12 -22.67 -20.84
C PRO B 343 -1.22 -21.32 -21.51
N VAL B 344 -0.70 -21.22 -22.75
CA VAL B 344 -0.81 -20.03 -23.57
C VAL B 344 -1.71 -20.35 -24.77
N VAL B 345 -2.64 -19.46 -25.06
CA VAL B 345 -3.56 -19.64 -26.17
C VAL B 345 -2.71 -19.64 -27.45
N ASP B 346 -3.09 -20.50 -28.38
CA ASP B 346 -2.38 -20.60 -29.66
C ASP B 346 -2.85 -19.46 -30.57
N ALA B 347 -1.89 -18.89 -31.32
CA ALA B 347 -2.22 -17.79 -32.21
C ALA B 347 -3.35 -18.19 -33.19
N SER B 348 -3.44 -19.48 -33.56
CA SER B 348 -4.51 -20.01 -34.39
C SER B 348 -5.91 -19.63 -33.91
N GLU B 349 -6.10 -19.59 -32.57
CA GLU B 349 -7.41 -19.36 -31.96
CA GLU B 349 -7.42 -19.38 -31.99
C GLU B 349 -7.87 -17.92 -32.16
N LEU B 350 -6.89 -16.99 -32.24
CA LEU B 350 -7.15 -15.57 -32.32
C LEU B 350 -7.18 -15.13 -33.78
N GLN B 351 -6.80 -16.08 -34.66
CA GLN B 351 -6.82 -15.89 -36.10
C GLN B 351 -7.69 -17.01 -36.68
CL CL C . -3.85 9.95 -12.83
CL CL D . 2.69 5.89 -10.51
C1 GOL E . 1.03 -7.45 15.37
O1 GOL E . 0.49 -6.17 15.41
C2 GOL E . 0.03 -8.36 15.97
O2 GOL E . 0.00 -9.48 15.11
C3 GOL E . 0.30 -8.71 17.44
O3 GOL E . 1.26 -7.88 18.15
H11 GOL E . 1.87 -7.47 15.88
H12 GOL E . 1.21 -7.70 14.43
HO1 GOL E . 0.96 -5.39 15.16
H2 GOL E . -0.86 -7.92 15.92
HO2 GOL E . 0.30 -10.07 15.94
H31 GOL E . 0.61 -9.64 17.48
H32 GOL E . -0.55 -8.65 17.93
HO3 GOL E . 1.55 -8.33 18.80
C1 GOL F . 25.21 13.48 6.80
O1 GOL F . 25.62 14.72 7.37
C2 GOL F . 23.92 12.99 7.44
O2 GOL F . 23.17 12.29 6.44
C3 GOL F . 24.17 12.14 8.67
O3 GOL F . 23.05 11.39 9.12
H11 GOL F . 25.91 12.80 6.93
H12 GOL F . 25.06 13.60 5.83
HO1 GOL F . 26.37 14.88 6.91
H2 GOL F . 23.39 13.78 7.72
HO2 GOL F . 22.91 11.55 6.86
H31 GOL F . 24.48 12.73 9.41
H32 GOL F . 24.91 11.51 8.47
HO3 GOL F . 22.59 11.88 9.64
CL CL G . 0.61 -9.39 7.93
#